data_3BAL
#
_entry.id   3BAL
#
_cell.length_a   43.200
_cell.length_b   57.200
_cell.length_c   62.930
_cell.angle_alpha   69.850
_cell.angle_beta   74.320
_cell.angle_gamma   69.710
#
_symmetry.space_group_name_H-M   'P 1'
#
loop_
_entity.id
_entity.type
_entity.pdbx_description
1 polymer 'Acetylacetone-cleaving enzyme'
2 non-polymer 'ZINC ION'
3 water water
#
_entity_poly.entity_id   1
_entity_poly.type   'polypeptide(L)'
_entity_poly.pdbx_seq_one_letter_code
;MDYCNKKHTAEEYVKISDNNYVPFPEAFSDGGITWQLLHSSPETSSWTAIFNCPAGSSFASHIHAGPGEYFLTKGKMEVR
GGEQEGGSTAYAPSYGFESSGALHGKTFFPVESQFYMTFLGPLNFIDDNGKVIASIGWAEAQGAWLATKNEAA
;
_entity_poly.pdbx_strand_id   A,B,C,D
#
# COMPACT_ATOMS: atom_id res chain seq x y z
N MET A 1 8.29 -20.94 -10.97
CA MET A 1 7.57 -21.41 -12.18
C MET A 1 7.36 -20.25 -13.15
N ASP A 2 6.10 -19.99 -13.52
CA ASP A 2 5.79 -18.92 -14.45
C ASP A 2 4.86 -17.84 -13.90
N TYR A 3 4.74 -16.74 -14.64
CA TYR A 3 3.87 -15.62 -14.25
C TYR A 3 2.45 -16.13 -14.02
N CYS A 4 1.80 -15.64 -12.96
CA CYS A 4 0.42 -16.05 -12.64
C CYS A 4 -0.61 -15.03 -13.11
N ASN A 5 -1.47 -15.43 -14.04
CA ASN A 5 -2.51 -14.54 -14.55
C ASN A 5 -3.43 -14.12 -13.41
N LYS A 6 -3.90 -12.87 -13.44
CA LYS A 6 -4.79 -12.36 -12.38
C LYS A 6 -6.06 -11.77 -13.00
N LYS A 7 -7.14 -11.79 -12.23
CA LYS A 7 -8.39 -11.20 -12.71
C LYS A 7 -8.75 -10.04 -11.80
N HIS A 8 -9.64 -9.18 -12.29
CA HIS A 8 -10.11 -8.00 -11.56
C HIS A 8 -10.70 -8.43 -10.20
N THR A 9 -10.28 -7.79 -9.12
CA THR A 9 -10.80 -8.11 -7.78
C THR A 9 -12.28 -7.70 -7.72
N ALA A 10 -13.12 -8.53 -7.11
CA ALA A 10 -14.55 -8.22 -7.02
C ALA A 10 -14.86 -7.03 -6.13
N GLU A 11 -15.86 -6.24 -6.51
CA GLU A 11 -16.26 -5.09 -5.71
C GLU A 11 -17.14 -5.61 -4.57
N GLU A 12 -17.23 -4.86 -3.48
CA GLU A 12 -18.04 -5.31 -2.34
C GLU A 12 -18.98 -4.25 -1.80
N TYR A 13 -20.08 -4.73 -1.22
CA TYR A 13 -21.07 -3.87 -0.59
C TYR A 13 -21.44 -4.55 0.72
N VAL A 14 -21.38 -3.80 1.81
CA VAL A 14 -21.71 -4.33 3.14
C VAL A 14 -22.64 -3.39 3.91
N LYS A 15 -23.89 -3.80 4.12
CA LYS A 15 -24.82 -2.97 4.88
C LYS A 15 -24.44 -3.08 6.36
N ILE A 16 -24.39 -1.96 7.06
CA ILE A 16 -24.03 -1.98 8.47
C ILE A 16 -25.29 -1.95 9.32
N SER A 17 -25.61 -3.11 9.93
CA SER A 17 -26.82 -3.23 10.75
C SER A 17 -26.50 -3.34 12.23
N ASP A 18 -27.40 -2.83 13.07
CA ASP A 18 -27.19 -2.88 14.50
C ASP A 18 -27.05 -4.31 15.01
N ASN A 19 -27.81 -5.20 14.38
CA ASN A 19 -27.83 -6.62 14.74
C ASN A 19 -26.52 -7.36 14.60
N ASN A 20 -25.57 -6.81 13.83
CA ASN A 20 -24.31 -7.48 13.62
C ASN A 20 -23.12 -7.07 14.46
N TYR A 21 -23.33 -6.14 15.39
CA TYR A 21 -22.23 -5.75 16.26
C TYR A 21 -22.09 -6.86 17.30
N VAL A 22 -20.85 -7.28 17.56
CA VAL A 22 -20.58 -8.33 18.54
C VAL A 22 -19.58 -7.81 19.57
N PRO A 23 -19.53 -8.44 20.76
CA PRO A 23 -18.59 -8.00 21.80
C PRO A 23 -17.13 -8.13 21.32
N PHE A 24 -16.33 -7.10 21.57
CA PHE A 24 -14.92 -7.08 21.20
C PHE A 24 -14.22 -7.90 22.29
N PRO A 25 -13.21 -8.72 21.93
CA PRO A 25 -12.52 -9.54 22.94
C PRO A 25 -12.09 -8.82 24.22
N GLU A 26 -12.47 -9.40 25.35
CA GLU A 26 -12.15 -8.83 26.67
C GLU A 26 -10.67 -8.79 26.96
N ALA A 27 -9.91 -9.64 26.28
CA ALA A 27 -8.47 -9.65 26.50
C ALA A 27 -7.81 -8.35 26.03
N PHE A 28 -8.38 -7.72 25.00
CA PHE A 28 -7.81 -6.50 24.45
C PHE A 28 -8.59 -5.18 24.63
N SER A 29 -9.51 -5.15 25.59
CA SER A 29 -10.27 -3.95 25.86
C SER A 29 -10.91 -4.00 27.25
N ASP A 30 -11.55 -2.89 27.62
CA ASP A 30 -12.24 -2.75 28.90
C ASP A 30 -13.50 -1.94 28.66
N GLY A 31 -14.62 -2.41 29.20
CA GLY A 31 -15.88 -1.72 28.98
C GLY A 31 -16.60 -2.55 27.93
N GLY A 32 -17.88 -2.29 27.70
CA GLY A 32 -18.58 -3.10 26.72
C GLY A 32 -18.41 -2.69 25.27
N ILE A 33 -17.19 -2.72 24.75
CA ILE A 33 -16.98 -2.34 23.36
C ILE A 33 -17.51 -3.41 22.40
N THR A 34 -18.24 -2.99 21.38
CA THR A 34 -18.78 -3.91 20.38
C THR A 34 -18.25 -3.49 19.02
N TRP A 35 -18.15 -4.42 18.07
CA TRP A 35 -17.61 -4.06 16.77
C TRP A 35 -18.14 -4.89 15.62
N GLN A 36 -17.65 -4.57 14.43
CA GLN A 36 -17.99 -5.26 13.19
C GLN A 36 -16.81 -5.17 12.22
N LEU A 37 -16.36 -6.32 11.73
CA LEU A 37 -15.29 -6.36 10.75
C LEU A 37 -16.02 -6.12 9.42
N LEU A 38 -15.56 -5.14 8.64
CA LEU A 38 -16.18 -4.78 7.37
C LEU A 38 -15.49 -5.28 6.11
N HIS A 39 -14.16 -5.37 6.16
CA HIS A 39 -13.40 -5.82 5.00
C HIS A 39 -11.96 -6.23 5.32
N SER A 40 -11.47 -7.19 4.55
CA SER A 40 -10.12 -7.69 4.71
C SER A 40 -9.46 -7.80 3.33
N SER A 41 -8.25 -7.27 3.21
CA SER A 41 -7.49 -7.35 1.95
C SER A 41 -6.28 -8.24 2.25
N PRO A 42 -6.40 -9.57 1.98
CA PRO A 42 -5.32 -10.52 2.23
C PRO A 42 -4.05 -10.31 1.43
N GLU A 43 -4.17 -9.68 0.27
CA GLU A 43 -3.03 -9.43 -0.59
C GLU A 43 -2.27 -8.19 -0.10
N THR A 44 -3.01 -7.14 0.22
CA THR A 44 -2.43 -5.89 0.69
C THR A 44 -2.03 -5.95 2.17
N SER A 45 -2.85 -6.67 2.94
CA SER A 45 -2.70 -6.86 4.39
C SER A 45 -3.44 -5.76 5.16
N SER A 46 -4.36 -5.08 4.50
CA SER A 46 -5.13 -4.04 5.15
C SER A 46 -6.50 -4.58 5.54
N TRP A 47 -7.14 -3.95 6.53
CA TRP A 47 -8.47 -4.37 6.99
C TRP A 47 -9.26 -3.18 7.50
N THR A 48 -10.58 -3.29 7.52
CA THR A 48 -11.47 -2.18 7.93
C THR A 48 -12.58 -2.60 8.90
N ALA A 49 -12.83 -1.78 9.92
CA ALA A 49 -13.84 -2.10 10.92
C ALA A 49 -14.52 -0.88 11.53
N ILE A 50 -15.65 -1.10 12.20
CA ILE A 50 -16.39 -0.02 12.86
C ILE A 50 -16.64 -0.40 14.32
N PHE A 51 -16.54 0.57 15.23
CA PHE A 51 -16.71 0.30 16.66
C PHE A 51 -17.71 1.17 17.42
N ASN A 52 -18.42 0.55 18.36
CA ASN A 52 -19.37 1.25 19.23
C ASN A 52 -18.76 1.13 20.62
N CYS A 53 -18.46 2.26 21.25
CA CYS A 53 -17.81 2.29 22.56
C CYS A 53 -18.57 3.00 23.67
N PRO A 54 -18.88 2.27 24.76
CA PRO A 54 -19.61 2.84 25.90
C PRO A 54 -18.76 3.90 26.60
N ALA A 55 -19.40 4.70 27.44
CA ALA A 55 -18.67 5.71 28.18
C ALA A 55 -17.73 4.99 29.15
N GLY A 56 -16.49 5.45 29.22
CA GLY A 56 -15.52 4.83 30.11
C GLY A 56 -14.75 3.65 29.54
N SER A 57 -15.02 3.27 28.30
CA SER A 57 -14.33 2.12 27.70
C SER A 57 -12.97 2.49 27.10
N SER A 58 -12.16 1.46 26.84
CA SER A 58 -10.82 1.65 26.29
C SER A 58 -10.28 0.37 25.66
N PHE A 59 -9.17 0.52 24.94
CA PHE A 59 -8.50 -0.62 24.29
C PHE A 59 -7.19 -0.90 25.02
N ALA A 60 -6.77 -2.16 25.01
CA ALA A 60 -5.52 -2.57 25.64
C ALA A 60 -4.36 -1.92 24.88
N SER A 61 -3.21 -1.81 25.54
CA SER A 61 -2.02 -1.19 24.96
C SER A 61 -1.52 -1.86 23.68
N HIS A 62 -1.25 -1.05 22.66
CA HIS A 62 -0.78 -1.59 21.40
C HIS A 62 0.00 -0.59 20.57
N ILE A 63 0.70 -1.12 19.57
CA ILE A 63 1.50 -0.32 18.65
C ILE A 63 0.99 -0.60 17.23
N HIS A 64 0.85 0.46 16.44
CA HIS A 64 0.42 0.34 15.05
C HIS A 64 1.63 0.05 14.18
N ALA A 65 1.65 -1.12 13.56
CA ALA A 65 2.77 -1.51 12.71
C ALA A 65 2.79 -0.70 11.41
N GLY A 66 1.60 -0.26 10.97
CA GLY A 66 1.48 0.53 9.75
C GLY A 66 0.49 1.66 9.95
N PRO A 67 0.27 2.51 8.95
CA PRO A 67 -0.69 3.62 9.07
C PRO A 67 -2.14 3.20 9.25
N GLY A 68 -2.88 3.99 10.04
CA GLY A 68 -4.29 3.73 10.29
C GLY A 68 -5.02 5.06 10.22
N GLU A 69 -6.25 5.06 9.68
CA GLU A 69 -7.04 6.29 9.56
C GLU A 69 -8.44 6.14 10.15
N TYR A 70 -8.84 7.04 11.03
CA TYR A 70 -10.15 6.94 11.64
C TYR A 70 -11.12 8.11 11.37
N PHE A 71 -12.41 7.78 11.33
CA PHE A 71 -13.46 8.76 11.14
C PHE A 71 -14.38 8.60 12.37
N LEU A 72 -14.25 9.51 13.33
CA LEU A 72 -15.06 9.48 14.54
C LEU A 72 -16.41 10.09 14.19
N THR A 73 -17.45 9.25 14.17
CA THR A 73 -18.78 9.71 13.80
C THR A 73 -19.63 10.14 14.97
N LYS A 74 -19.26 9.71 16.17
CA LYS A 74 -20.03 10.07 17.36
C LYS A 74 -19.18 10.00 18.62
N GLY A 75 -19.42 10.94 19.53
CA GLY A 75 -18.69 10.93 20.79
C GLY A 75 -17.39 11.70 20.85
N LYS A 76 -16.45 11.17 21.64
CA LYS A 76 -15.13 11.78 21.84
C LYS A 76 -14.12 10.66 22.09
N MET A 77 -12.90 10.83 21.57
CA MET A 77 -11.85 9.81 21.73
C MET A 77 -10.49 10.41 22.11
N GLU A 78 -9.90 9.94 23.21
CA GLU A 78 -8.59 10.42 23.67
C GLU A 78 -7.49 9.49 23.16
N VAL A 79 -6.72 9.98 22.19
CA VAL A 79 -5.64 9.20 21.59
C VAL A 79 -4.28 9.71 22.04
N ARG A 80 -3.37 8.78 22.31
CA ARG A 80 -2.03 9.12 22.76
C ARG A 80 -2.05 9.99 24.02
N GLY A 81 -2.97 9.66 24.93
CA GLY A 81 -3.06 10.41 26.17
C GLY A 81 -4.05 11.57 26.18
N GLY A 82 -4.63 11.88 25.03
CA GLY A 82 -5.58 12.97 24.96
C GLY A 82 -4.91 14.33 24.96
N GLU A 83 -5.68 15.38 24.67
CA GLU A 83 -5.14 16.74 24.63
C GLU A 83 -4.40 17.11 25.93
N GLN A 84 -4.91 16.66 27.07
CA GLN A 84 -4.31 16.99 28.36
C GLN A 84 -2.90 16.42 28.59
N GLU A 85 -2.52 15.45 27.78
CA GLU A 85 -1.19 14.87 27.91
C GLU A 85 -0.37 14.92 26.65
N GLY A 86 -0.58 15.94 25.83
CA GLY A 86 0.20 16.07 24.60
C GLY A 86 -0.28 15.31 23.37
N GLY A 87 -1.30 14.47 23.52
CA GLY A 87 -1.82 13.72 22.39
C GLY A 87 -3.01 14.46 21.79
N SER A 88 -4.05 13.74 21.38
CA SER A 88 -5.21 14.39 20.79
C SER A 88 -6.54 13.88 21.34
N THR A 89 -7.54 14.75 21.40
CA THR A 89 -8.86 14.35 21.84
C THR A 89 -9.79 14.69 20.67
N ALA A 90 -10.30 13.67 19.99
CA ALA A 90 -11.18 13.88 18.86
C ALA A 90 -12.64 14.10 19.27
N TYR A 91 -13.29 15.05 18.61
CA TYR A 91 -14.70 15.38 18.85
C TYR A 91 -15.44 15.10 17.54
N ALA A 92 -16.52 14.33 17.59
CA ALA A 92 -17.26 14.01 16.38
C ALA A 92 -17.96 15.25 15.78
N PRO A 93 -17.93 15.40 14.45
CA PRO A 93 -17.28 14.50 13.49
C PRO A 93 -15.85 14.98 13.26
N SER A 94 -14.92 14.05 13.17
CA SER A 94 -13.53 14.39 12.94
C SER A 94 -12.78 13.22 12.34
N TYR A 95 -11.54 13.48 11.90
CA TYR A 95 -10.70 12.49 11.24
C TYR A 95 -9.32 12.44 11.90
N GLY A 96 -8.63 11.32 11.74
CA GLY A 96 -7.29 11.22 12.31
C GLY A 96 -6.37 10.28 11.53
N PHE A 97 -5.09 10.62 11.50
CA PHE A 97 -4.09 9.80 10.83
C PHE A 97 -3.09 9.39 11.90
N GLU A 98 -3.06 8.10 12.22
CA GLU A 98 -2.13 7.56 13.21
C GLU A 98 -1.13 6.73 12.43
N SER A 99 0.12 7.21 12.39
CA SER A 99 1.18 6.58 11.63
C SER A 99 1.82 5.32 12.19
N SER A 100 2.59 4.67 11.33
CA SER A 100 3.32 3.46 11.67
C SER A 100 4.22 3.77 12.86
N GLY A 101 4.08 2.98 13.93
CA GLY A 101 4.88 3.19 15.13
C GLY A 101 4.11 3.84 16.26
N ALA A 102 2.93 4.39 15.98
CA ALA A 102 2.12 5.04 16.98
C ALA A 102 1.85 4.12 18.18
N LEU A 103 2.17 4.61 19.37
CA LEU A 103 1.95 3.85 20.60
C LEU A 103 0.69 4.31 21.31
N HIS A 104 -0.29 3.41 21.42
CA HIS A 104 -1.55 3.72 22.07
C HIS A 104 -1.74 2.93 23.36
N GLY A 105 -1.25 3.50 24.46
CA GLY A 105 -1.32 2.86 25.76
C GLY A 105 -2.72 2.51 26.24
N LYS A 106 -3.64 3.47 26.14
CA LYS A 106 -5.01 3.24 26.57
C LYS A 106 -6.00 4.21 25.86
N THR A 107 -6.25 3.99 24.57
CA THR A 107 -7.19 4.84 23.84
C THR A 107 -8.48 4.80 24.66
N PHE A 108 -8.96 5.97 25.08
CA PHE A 108 -10.13 6.09 25.96
C PHE A 108 -11.35 6.87 25.43
N PHE A 109 -12.55 6.37 25.75
CA PHE A 109 -13.80 7.01 25.33
C PHE A 109 -14.59 7.52 26.54
N PRO A 110 -14.44 8.82 26.85
CA PRO A 110 -15.12 9.49 27.98
C PRO A 110 -16.64 9.50 27.90
N VAL A 111 -17.15 9.38 26.68
CA VAL A 111 -18.57 9.42 26.41
C VAL A 111 -18.92 8.33 25.38
N GLU A 112 -20.19 7.91 25.32
CA GLU A 112 -20.55 6.89 24.33
C GLU A 112 -20.17 7.36 22.92
N SER A 113 -19.35 6.57 22.24
CA SER A 113 -18.84 6.94 20.92
C SER A 113 -18.96 5.86 19.82
N GLN A 114 -18.60 6.27 18.61
CA GLN A 114 -18.57 5.38 17.45
C GLN A 114 -17.50 5.89 16.48
N PHE A 115 -16.71 4.98 15.93
CA PHE A 115 -15.69 5.34 14.96
C PHE A 115 -15.41 4.22 13.96
N TYR A 116 -15.15 4.63 12.72
CA TYR A 116 -14.83 3.77 11.58
C TYR A 116 -13.32 3.90 11.37
N MET A 117 -12.63 2.79 11.08
CA MET A 117 -11.20 2.87 10.88
C MET A 117 -10.64 1.81 9.93
N THR A 118 -9.63 2.20 9.16
CA THR A 118 -8.95 1.31 8.23
C THR A 118 -7.53 1.13 8.77
N PHE A 119 -6.99 -0.09 8.67
CA PHE A 119 -5.65 -0.38 9.17
C PHE A 119 -4.78 -1.06 8.10
N LEU A 120 -3.51 -0.68 8.04
CA LEU A 120 -2.58 -1.30 7.12
C LEU A 120 -1.60 -2.05 8.04
N GLY A 121 -1.60 -3.37 7.95
CA GLY A 121 -0.72 -4.14 8.82
C GLY A 121 -1.40 -4.46 10.14
N PRO A 122 -0.68 -5.12 11.07
CA PRO A 122 -1.21 -5.50 12.38
C PRO A 122 -1.08 -4.48 13.50
N LEU A 123 -1.82 -4.76 14.58
CA LEU A 123 -1.77 -3.97 15.80
C LEU A 123 -1.10 -4.89 16.79
N ASN A 124 0.06 -4.50 17.28
CA ASN A 124 0.79 -5.32 18.21
C ASN A 124 0.48 -4.96 19.66
N PHE A 125 -0.24 -5.85 20.34
CA PHE A 125 -0.59 -5.60 21.73
C PHE A 125 0.60 -6.01 22.58
N ILE A 126 0.98 -5.16 23.53
CA ILE A 126 2.16 -5.37 24.38
C ILE A 126 1.91 -5.46 25.87
N ASP A 127 2.80 -6.14 26.60
CA ASP A 127 2.67 -6.25 28.05
C ASP A 127 3.47 -5.11 28.70
N ASP A 128 3.54 -5.10 30.03
CA ASP A 128 4.24 -4.03 30.75
C ASP A 128 5.75 -3.95 30.59
N ASN A 129 6.33 -4.94 29.89
CA ASN A 129 7.76 -4.97 29.66
C ASN A 129 8.04 -4.75 28.18
N GLY A 130 7.04 -4.29 27.44
CA GLY A 130 7.21 -4.02 26.02
C GLY A 130 7.08 -5.21 25.08
N LYS A 131 6.93 -6.41 25.61
CA LYS A 131 6.82 -7.61 24.79
C LYS A 131 5.48 -7.76 24.04
N VAL A 132 5.57 -8.09 22.75
CA VAL A 132 4.39 -8.28 21.91
C VAL A 132 3.71 -9.60 22.24
N ILE A 133 2.57 -9.53 22.91
CA ILE A 133 1.85 -10.73 23.28
C ILE A 133 0.89 -11.21 22.19
N ALA A 134 0.55 -10.33 21.25
CA ALA A 134 -0.32 -10.68 20.14
C ALA A 134 -0.21 -9.68 18.98
N SER A 135 -0.01 -10.20 17.77
CA SER A 135 0.09 -9.37 16.56
C SER A 135 -1.22 -9.54 15.81
N ILE A 136 -2.12 -8.57 15.94
CA ILE A 136 -3.43 -8.68 15.31
C ILE A 136 -3.59 -8.00 13.95
N GLY A 137 -3.55 -8.83 12.90
CA GLY A 137 -3.69 -8.34 11.53
C GLY A 137 -5.04 -8.76 10.96
N TRP A 138 -5.24 -8.61 9.65
CA TRP A 138 -6.52 -8.98 9.03
C TRP A 138 -6.92 -10.43 9.33
N ALA A 139 -5.96 -11.33 9.31
CA ALA A 139 -6.23 -12.74 9.57
C ALA A 139 -6.74 -12.98 11.00
N GLU A 140 -6.05 -12.41 11.98
CA GLU A 140 -6.43 -12.56 13.38
C GLU A 140 -7.76 -11.87 13.68
N ALA A 141 -8.00 -10.73 13.04
CA ALA A 141 -9.24 -9.97 13.24
C ALA A 141 -10.43 -10.75 12.63
N GLN A 142 -10.22 -11.34 11.47
CA GLN A 142 -11.29 -12.11 10.83
C GLN A 142 -11.59 -13.35 11.70
N GLY A 143 -10.56 -13.96 12.27
CA GLY A 143 -10.76 -15.12 13.11
C GLY A 143 -11.61 -14.83 14.33
N ALA A 144 -11.33 -13.71 14.98
CA ALA A 144 -12.06 -13.29 16.18
C ALA A 144 -13.50 -12.91 15.82
N TRP A 145 -13.66 -12.28 14.67
CA TRP A 145 -14.96 -11.85 14.18
C TRP A 145 -15.89 -13.02 13.90
N LEU A 146 -15.42 -13.97 13.10
CA LEU A 146 -16.18 -15.15 12.71
C LEU A 146 -16.43 -16.10 13.88
N ALA A 147 -15.49 -16.15 14.81
CA ALA A 147 -15.61 -17.01 15.98
C ALA A 147 -16.69 -16.50 16.92
N THR A 148 -16.72 -15.18 17.11
CA THR A 148 -17.70 -14.55 17.98
C THR A 148 -19.04 -14.47 17.27
N LYS A 149 -19.00 -14.12 15.99
CA LYS A 149 -20.19 -13.99 15.17
C LYS A 149 -20.57 -15.36 14.63
N MET B 1 23.84 9.39 -2.87
CA MET B 1 24.19 7.98 -3.22
C MET B 1 24.15 7.04 -2.04
N ASP B 2 23.72 7.54 -0.88
CA ASP B 2 23.66 6.70 0.33
C ASP B 2 22.25 6.62 0.92
N TYR B 3 22.04 5.62 1.76
CA TYR B 3 20.77 5.40 2.44
C TYR B 3 20.27 6.69 3.12
N CYS B 4 18.98 6.98 2.98
CA CYS B 4 18.39 8.17 3.59
C CYS B 4 17.72 7.85 4.91
N ASN B 5 18.19 8.46 6.00
CA ASN B 5 17.59 8.23 7.32
C ASN B 5 16.16 8.75 7.32
N LYS B 6 15.29 8.03 8.01
CA LYS B 6 13.88 8.42 8.08
C LYS B 6 13.43 8.54 9.53
N LYS B 7 12.41 9.38 9.73
CA LYS B 7 11.87 9.57 11.06
C LYS B 7 10.40 9.15 11.02
N HIS B 8 9.86 8.85 12.19
CA HIS B 8 8.46 8.46 12.36
C HIS B 8 7.60 9.57 11.75
N THR B 9 6.61 9.20 10.92
CA THR B 9 5.71 10.18 10.28
C THR B 9 4.77 10.79 11.33
N ALA B 10 4.53 12.11 11.24
CA ALA B 10 3.67 12.79 12.21
C ALA B 10 2.19 12.39 12.19
N GLU B 11 1.60 12.18 13.35
CA GLU B 11 0.17 11.84 13.43
C GLU B 11 -0.62 13.11 13.08
N GLU B 12 -1.88 12.95 12.67
CA GLU B 12 -2.72 14.09 12.31
C GLU B 12 -4.14 14.02 12.87
N TYR B 13 -4.70 15.18 13.17
CA TYR B 13 -6.07 15.29 13.67
C TYR B 13 -6.77 16.41 12.89
N VAL B 14 -7.90 16.09 12.27
CA VAL B 14 -8.64 17.08 11.51
C VAL B 14 -10.11 17.20 11.95
N LYS B 15 -10.48 18.38 12.44
CA LYS B 15 -11.86 18.61 12.85
C LYS B 15 -12.64 18.91 11.56
N ILE B 16 -13.78 18.26 11.39
CA ILE B 16 -14.61 18.45 10.21
C ILE B 16 -15.74 19.42 10.57
N SER B 17 -15.64 20.65 10.06
CA SER B 17 -16.64 21.68 10.33
C SER B 17 -17.51 21.90 9.11
N ASP B 18 -18.80 22.13 9.31
CA ASP B 18 -19.69 22.35 8.16
C ASP B 18 -19.22 23.54 7.35
N ASN B 19 -18.54 24.46 8.04
CA ASN B 19 -18.04 25.69 7.44
C ASN B 19 -16.93 25.51 6.41
N ASN B 20 -16.28 24.35 6.40
CA ASN B 20 -15.18 24.13 5.46
C ASN B 20 -15.50 23.37 4.17
N TYR B 21 -16.76 23.02 3.98
CA TYR B 21 -17.13 22.32 2.76
C TYR B 21 -17.18 23.34 1.63
N VAL B 22 -16.56 23.03 0.50
CA VAL B 22 -16.57 23.94 -0.65
C VAL B 22 -17.10 23.23 -1.88
N PRO B 23 -17.47 24.00 -2.93
CA PRO B 23 -17.99 23.39 -4.15
C PRO B 23 -16.97 22.48 -4.85
N PHE B 24 -17.41 21.28 -5.21
CA PHE B 24 -16.54 20.34 -5.91
C PHE B 24 -16.50 20.85 -7.37
N PRO B 25 -15.36 20.69 -8.07
CA PRO B 25 -15.30 21.17 -9.46
C PRO B 25 -16.47 20.75 -10.36
N GLU B 26 -17.02 21.72 -11.08
CA GLU B 26 -18.16 21.49 -11.98
C GLU B 26 -17.81 20.65 -13.20
N ALA B 27 -16.53 20.59 -13.52
CA ALA B 27 -16.09 19.82 -14.67
C ALA B 27 -16.17 18.32 -14.40
N PHE B 28 -16.11 17.93 -13.12
CA PHE B 28 -16.14 16.52 -12.76
C PHE B 28 -17.34 16.04 -11.95
N SER B 29 -18.42 16.82 -11.96
CA SER B 29 -19.62 16.44 -11.24
C SER B 29 -20.81 17.25 -11.74
N ASP B 30 -22.01 16.81 -11.35
CA ASP B 30 -23.25 17.45 -11.74
C ASP B 30 -24.10 17.55 -10.47
N GLY B 31 -24.91 18.61 -10.36
CA GLY B 31 -25.70 18.81 -9.16
C GLY B 31 -24.84 19.73 -8.31
N GLY B 32 -25.19 19.99 -7.06
CA GLY B 32 -24.32 20.89 -6.31
C GLY B 32 -23.41 20.21 -5.30
N ILE B 33 -22.58 19.26 -5.73
CA ILE B 33 -21.72 18.55 -4.77
C ILE B 33 -20.65 19.40 -4.06
N THR B 34 -20.58 19.28 -2.74
CA THR B 34 -19.60 20.02 -1.95
C THR B 34 -18.68 19.00 -1.24
N TRP B 35 -17.49 19.41 -0.84
CA TRP B 35 -16.57 18.46 -0.23
C TRP B 35 -15.49 19.11 0.63
N GLN B 36 -14.60 18.25 1.14
CA GLN B 36 -13.46 18.61 1.95
C GLN B 36 -12.40 17.54 1.76
N LEU B 37 -11.15 17.97 1.59
CA LEU B 37 -10.04 17.03 1.46
C LEU B 37 -9.52 16.88 2.89
N LEU B 38 -9.43 15.64 3.36
CA LEU B 38 -8.98 15.37 4.73
C LEU B 38 -7.51 15.02 4.92
N HIS B 39 -6.93 14.26 3.99
CA HIS B 39 -5.54 13.85 4.12
C HIS B 39 -4.89 13.38 2.82
N SER B 40 -3.59 13.63 2.66
CA SER B 40 -2.83 13.17 1.51
C SER B 40 -1.58 12.46 2.03
N SER B 41 -1.24 11.34 1.40
CA SER B 41 -0.04 10.58 1.75
C SER B 41 0.82 10.63 0.49
N PRO B 42 1.70 11.64 0.39
CA PRO B 42 2.57 11.78 -0.79
C PRO B 42 3.53 10.62 -1.06
N GLU B 43 3.87 9.87 -0.02
CA GLU B 43 4.79 8.74 -0.16
C GLU B 43 4.08 7.50 -0.68
N THR B 44 2.91 7.23 -0.11
CA THR B 44 2.07 6.08 -0.46
C THR B 44 1.27 6.30 -1.74
N SER B 45 0.82 7.55 -1.90
CA SER B 45 -0.01 8.03 -3.02
C SER B 45 -1.51 7.81 -2.74
N SER B 46 -1.86 7.71 -1.46
CA SER B 46 -3.26 7.55 -1.05
C SER B 46 -3.80 8.88 -0.55
N TRP B 47 -5.11 9.06 -0.59
CA TRP B 47 -5.73 10.29 -0.11
C TRP B 47 -7.15 10.04 0.38
N THR B 48 -7.65 10.91 1.24
CA THR B 48 -8.96 10.75 1.87
C THR B 48 -9.80 12.04 1.85
N ALA B 49 -11.10 11.91 1.60
CA ALA B 49 -11.98 13.07 1.56
C ALA B 49 -13.40 12.69 1.99
N ILE B 50 -14.25 13.70 2.17
CA ILE B 50 -15.65 13.48 2.56
C ILE B 50 -16.54 14.38 1.69
N PHE B 51 -17.67 13.84 1.23
CA PHE B 51 -18.56 14.58 0.35
C PHE B 51 -20.01 14.73 0.80
N ASN B 52 -20.61 15.89 0.47
CA ASN B 52 -22.03 16.18 0.75
C ASN B 52 -22.68 16.26 -0.62
N CYS B 53 -23.59 15.33 -0.90
CA CYS B 53 -24.23 15.26 -2.21
C CYS B 53 -25.73 15.52 -2.25
N PRO B 54 -26.15 16.58 -2.98
CA PRO B 54 -27.57 16.95 -3.10
C PRO B 54 -28.35 15.84 -3.82
N ALA B 55 -29.67 15.82 -3.62
CA ALA B 55 -30.46 14.82 -4.31
C ALA B 55 -30.30 15.08 -5.81
N GLY B 56 -30.16 14.01 -6.59
CA GLY B 56 -30.00 14.14 -8.03
C GLY B 56 -28.61 14.48 -8.54
N SER B 57 -27.61 14.50 -7.66
CA SER B 57 -26.25 14.82 -8.09
C SER B 57 -25.49 13.57 -8.50
N SER B 58 -24.33 13.77 -9.12
CA SER B 58 -23.51 12.64 -9.57
C SER B 58 -22.10 13.09 -9.92
N PHE B 59 -21.21 12.13 -10.12
CA PHE B 59 -19.84 12.43 -10.50
C PHE B 59 -19.66 12.07 -11.98
N ALA B 60 -18.74 12.77 -12.66
CA ALA B 60 -18.46 12.51 -14.07
C ALA B 60 -17.84 11.12 -14.20
N SER B 61 -17.88 10.56 -15.42
CA SER B 61 -17.35 9.21 -15.66
C SER B 61 -15.86 9.08 -15.33
N HIS B 62 -15.54 8.00 -14.62
CA HIS B 62 -14.17 7.75 -14.22
C HIS B 62 -13.88 6.28 -13.91
N ILE B 63 -12.59 5.94 -13.93
CA ILE B 63 -12.11 4.60 -13.65
C ILE B 63 -11.15 4.71 -12.46
N HIS B 64 -11.26 3.80 -11.50
CA HIS B 64 -10.40 3.77 -10.33
C HIS B 64 -9.12 3.03 -10.65
N ALA B 65 -8.00 3.74 -10.60
CA ALA B 65 -6.69 3.18 -10.86
C ALA B 65 -6.32 2.17 -9.76
N GLY B 66 -6.74 2.46 -8.52
CA GLY B 66 -6.45 1.59 -7.39
C GLY B 66 -7.66 1.34 -6.51
N PRO B 67 -7.50 0.59 -5.39
CA PRO B 67 -8.65 0.34 -4.52
C PRO B 67 -9.17 1.56 -3.75
N GLY B 68 -10.48 1.65 -3.60
CA GLY B 68 -11.09 2.76 -2.87
C GLY B 68 -12.14 2.19 -1.93
N GLU B 69 -12.24 2.72 -0.71
CA GLU B 69 -13.22 2.24 0.27
C GLU B 69 -14.09 3.38 0.79
N TYR B 70 -15.40 3.21 0.72
CA TYR B 70 -16.32 4.25 1.16
C TYR B 70 -17.22 3.87 2.33
N PHE B 71 -17.59 4.87 3.11
CA PHE B 71 -18.49 4.70 4.25
C PHE B 71 -19.63 5.71 4.01
N LEU B 72 -20.78 5.20 3.56
CA LEU B 72 -21.95 6.04 3.30
C LEU B 72 -22.65 6.29 4.62
N THR B 73 -22.57 7.52 5.10
CA THR B 73 -23.14 7.91 6.40
C THR B 73 -24.57 8.47 6.32
N LYS B 74 -24.96 8.96 5.15
CA LYS B 74 -26.29 9.52 4.94
C LYS B 74 -26.77 9.33 3.50
N GLY B 75 -28.07 9.08 3.34
CA GLY B 75 -28.63 8.94 2.01
C GLY B 75 -28.58 7.59 1.33
N LYS B 76 -28.54 7.65 0.00
CA LYS B 76 -28.50 6.46 -0.83
C LYS B 76 -27.62 6.75 -2.05
N MET B 77 -26.83 5.76 -2.45
CA MET B 77 -25.92 5.90 -3.58
C MET B 77 -25.95 4.72 -4.57
N GLU B 78 -26.07 5.02 -5.87
CA GLU B 78 -26.07 3.98 -6.88
C GLU B 78 -24.71 3.95 -7.58
N VAL B 79 -23.99 2.85 -7.40
CA VAL B 79 -22.67 2.70 -8.01
C VAL B 79 -22.66 1.58 -9.04
N ARG B 80 -21.92 1.78 -10.13
CA ARG B 80 -21.83 0.81 -11.21
C ARG B 80 -23.19 0.48 -11.81
N GLY B 81 -24.09 1.47 -11.82
CA GLY B 81 -25.40 1.29 -12.40
C GLY B 81 -26.51 0.96 -11.43
N GLY B 82 -26.16 0.71 -10.17
CA GLY B 82 -27.16 0.38 -9.17
C GLY B 82 -27.53 -1.10 -9.24
N GLU B 83 -28.33 -1.57 -8.29
CA GLU B 83 -28.73 -2.98 -8.27
C GLU B 83 -29.52 -3.35 -9.53
N GLN B 84 -30.30 -2.41 -10.05
CA GLN B 84 -31.12 -2.64 -11.22
C GLN B 84 -30.30 -2.86 -12.50
N GLU B 85 -29.00 -2.55 -12.46
CA GLU B 85 -28.16 -2.74 -13.64
C GLU B 85 -26.90 -3.53 -13.35
N GLY B 86 -26.97 -4.43 -12.38
CA GLY B 86 -25.81 -5.24 -12.04
C GLY B 86 -24.78 -4.61 -11.11
N GLY B 87 -25.07 -3.41 -10.62
CA GLY B 87 -24.15 -2.75 -9.71
C GLY B 87 -24.66 -2.86 -8.28
N SER B 88 -24.48 -1.81 -7.48
CA SER B 88 -24.97 -1.86 -6.11
C SER B 88 -25.69 -0.58 -5.72
N THR B 89 -26.72 -0.72 -4.89
CA THR B 89 -27.45 0.44 -4.39
C THR B 89 -27.16 0.42 -2.89
N ALA B 90 -26.44 1.44 -2.42
CA ALA B 90 -26.06 1.54 -1.01
C ALA B 90 -27.00 2.40 -0.19
N TYR B 91 -27.36 1.92 1.00
CA TYR B 91 -28.22 2.67 1.92
C TYR B 91 -27.43 2.95 3.20
N ALA B 92 -27.50 4.19 3.69
CA ALA B 92 -26.78 4.57 4.90
C ALA B 92 -27.39 3.91 6.14
N PRO B 93 -26.55 3.39 7.06
CA PRO B 93 -25.09 3.40 6.98
C PRO B 93 -24.61 2.15 6.26
N SER B 94 -23.60 2.28 5.41
CA SER B 94 -23.07 1.13 4.71
C SER B 94 -21.64 1.38 4.26
N TYR B 95 -20.97 0.28 3.92
CA TYR B 95 -19.57 0.28 3.48
C TYR B 95 -19.44 -0.29 2.07
N GLY B 96 -18.37 0.08 1.38
CA GLY B 96 -18.17 -0.45 0.04
C GLY B 96 -16.70 -0.49 -0.37
N PHE B 97 -16.33 -1.54 -1.11
CA PHE B 97 -14.98 -1.71 -1.61
C PHE B 97 -15.05 -1.70 -3.13
N GLU B 98 -14.42 -0.69 -3.74
CA GLU B 98 -14.40 -0.54 -5.19
C GLU B 98 -12.95 -0.76 -5.65
N SER B 99 -12.72 -1.91 -6.28
CA SER B 99 -11.40 -2.31 -6.72
C SER B 99 -10.76 -1.57 -7.89
N SER B 100 -9.45 -1.81 -8.04
CA SER B 100 -8.66 -1.24 -9.13
C SER B 100 -9.35 -1.66 -10.43
N GLY B 101 -9.64 -0.69 -11.30
CA GLY B 101 -10.31 -1.01 -12.56
C GLY B 101 -11.80 -0.69 -12.61
N ALA B 102 -12.42 -0.50 -11.44
CA ALA B 102 -13.85 -0.22 -11.38
C ALA B 102 -14.26 0.95 -12.27
N LEU B 103 -15.25 0.72 -13.14
CA LEU B 103 -15.77 1.76 -14.04
C LEU B 103 -17.03 2.38 -13.45
N HIS B 104 -16.95 3.69 -13.19
CA HIS B 104 -18.06 4.44 -12.62
C HIS B 104 -18.53 5.51 -13.62
N GLY B 105 -19.44 5.12 -14.51
CA GLY B 105 -19.95 6.05 -15.51
C GLY B 105 -20.70 7.26 -14.96
N LYS B 106 -21.52 7.03 -13.94
CA LYS B 106 -22.29 8.10 -13.32
C LYS B 106 -22.77 7.69 -11.91
N THR B 107 -21.87 7.75 -10.93
CA THR B 107 -22.24 7.42 -9.56
C THR B 107 -23.32 8.45 -9.21
N PHE B 108 -24.51 7.95 -8.87
CA PHE B 108 -25.70 8.79 -8.62
C PHE B 108 -26.33 8.77 -7.21
N PHE B 109 -26.77 9.95 -6.77
CA PHE B 109 -27.41 10.09 -5.46
C PHE B 109 -28.87 10.54 -5.65
N PRO B 110 -29.80 9.58 -5.54
CA PRO B 110 -31.23 9.86 -5.71
C PRO B 110 -31.80 10.74 -4.61
N VAL B 111 -31.08 10.76 -3.48
CA VAL B 111 -31.51 11.47 -2.29
C VAL B 111 -30.30 12.19 -1.71
N GLU B 112 -30.52 13.25 -0.94
CA GLU B 112 -29.41 13.97 -0.33
C GLU B 112 -28.58 12.98 0.49
N SER B 113 -27.28 12.97 0.24
CA SER B 113 -26.37 12.04 0.90
C SER B 113 -25.05 12.63 1.41
N GLN B 114 -24.26 11.76 2.03
CA GLN B 114 -22.93 12.09 2.55
C GLN B 114 -22.11 10.81 2.63
N PHE B 115 -20.84 10.87 2.22
CA PHE B 115 -19.97 9.70 2.29
C PHE B 115 -18.50 10.08 2.46
N TYR B 116 -17.78 9.22 3.19
CA TYR B 116 -16.36 9.36 3.49
C TYR B 116 -15.67 8.33 2.59
N MET B 117 -14.50 8.65 2.05
CA MET B 117 -13.81 7.70 1.19
C MET B 117 -12.30 7.84 1.18
N THR B 118 -11.61 6.71 1.12
CA THR B 118 -10.15 6.66 1.06
C THR B 118 -9.79 6.11 -0.33
N PHE B 119 -8.81 6.73 -0.99
CA PHE B 119 -8.40 6.29 -2.33
C PHE B 119 -6.91 5.96 -2.40
N LEU B 120 -6.56 4.90 -3.11
CA LEU B 120 -5.17 4.53 -3.33
C LEU B 120 -4.93 4.81 -4.80
N GLY B 121 -4.09 5.80 -5.10
CA GLY B 121 -3.84 6.12 -6.49
C GLY B 121 -4.85 7.10 -7.03
N PRO B 122 -4.81 7.40 -8.33
CA PRO B 122 -5.72 8.35 -8.97
C PRO B 122 -7.05 7.82 -9.53
N LEU B 123 -7.94 8.76 -9.86
CA LEU B 123 -9.22 8.47 -10.47
C LEU B 123 -9.05 9.06 -11.86
N ASN B 124 -9.16 8.20 -12.88
CA ASN B 124 -9.01 8.65 -14.25
C ASN B 124 -10.35 9.00 -14.87
N PHE B 125 -10.63 10.29 -14.99
CA PHE B 125 -11.88 10.75 -15.57
C PHE B 125 -11.76 10.61 -17.08
N ILE B 126 -12.75 9.96 -17.69
CA ILE B 126 -12.74 9.70 -19.13
C ILE B 126 -13.91 10.34 -19.91
N ASP B 127 -13.70 10.56 -21.21
CA ASP B 127 -14.76 11.13 -22.04
C ASP B 127 -15.67 9.99 -22.53
N ASP B 128 -16.63 10.30 -23.38
CA ASP B 128 -17.55 9.28 -23.86
C ASP B 128 -16.94 8.21 -24.75
N ASN B 129 -15.72 8.44 -25.22
CA ASN B 129 -15.03 7.46 -26.05
C ASN B 129 -14.06 6.66 -25.19
N GLY B 130 -14.04 6.97 -23.89
CA GLY B 130 -13.17 6.27 -22.96
C GLY B 130 -11.75 6.79 -22.86
N LYS B 131 -11.49 7.94 -23.48
CA LYS B 131 -10.15 8.51 -23.44
C LYS B 131 -9.96 9.30 -22.15
N VAL B 132 -8.82 9.08 -21.50
CA VAL B 132 -8.52 9.76 -20.25
C VAL B 132 -8.35 11.25 -20.45
N ILE B 133 -9.18 12.04 -19.79
CA ILE B 133 -9.09 13.49 -19.92
C ILE B 133 -8.41 14.13 -18.72
N ALA B 134 -8.31 13.39 -17.61
CA ALA B 134 -7.66 13.87 -16.40
C ALA B 134 -7.46 12.74 -15.40
N SER B 135 -6.23 12.60 -14.90
CA SER B 135 -5.89 11.59 -13.90
C SER B 135 -5.76 12.32 -12.58
N ILE B 136 -6.77 12.19 -11.72
CA ILE B 136 -6.78 12.90 -10.44
C ILE B 136 -6.34 12.11 -9.19
N GLY B 137 -5.14 12.43 -8.71
CA GLY B 137 -4.61 11.78 -7.52
C GLY B 137 -4.51 12.76 -6.37
N TRP B 138 -3.79 12.37 -5.31
CA TRP B 138 -3.63 13.23 -4.13
C TRP B 138 -3.13 14.63 -4.49
N ALA B 139 -2.19 14.73 -5.41
CA ALA B 139 -1.64 16.04 -5.79
C ALA B 139 -2.69 16.92 -6.47
N GLU B 140 -3.39 16.38 -7.46
CA GLU B 140 -4.42 17.13 -8.18
C GLU B 140 -5.56 17.51 -7.24
N ALA B 141 -5.93 16.58 -6.35
CA ALA B 141 -7.00 16.84 -5.38
C ALA B 141 -6.60 17.97 -4.44
N GLN B 142 -5.36 17.92 -3.95
CA GLN B 142 -4.88 18.96 -3.06
C GLN B 142 -4.82 20.30 -3.79
N GLY B 143 -4.49 20.26 -5.08
CA GLY B 143 -4.43 21.48 -5.85
C GLY B 143 -5.80 22.14 -5.97
N ALA B 144 -6.82 21.34 -6.27
CA ALA B 144 -8.19 21.85 -6.40
C ALA B 144 -8.73 22.34 -5.05
N TRP B 145 -8.36 21.63 -3.99
CA TRP B 145 -8.80 21.98 -2.64
C TRP B 145 -8.20 23.32 -2.21
N LEU B 146 -6.89 23.47 -2.33
CA LEU B 146 -6.25 24.72 -1.93
C LEU B 146 -6.64 25.91 -2.80
N ALA B 147 -7.14 25.66 -4.00
CA ALA B 147 -7.54 26.74 -4.89
C ALA B 147 -8.95 27.26 -4.60
N THR B 148 -9.76 26.43 -3.93
CA THR B 148 -11.14 26.79 -3.61
C THR B 148 -11.31 27.17 -2.13
N LYS B 149 -10.44 26.65 -1.28
CA LYS B 149 -10.47 26.94 0.16
C LYS B 149 -9.22 26.41 0.85
N MET C 1 -5.51 20.34 13.71
CA MET C 1 -6.96 20.63 13.62
C MET C 1 -7.43 20.74 12.17
N ASP C 2 -6.53 21.16 11.28
CA ASP C 2 -6.86 21.34 9.86
C ASP C 2 -6.08 20.45 8.91
N TYR C 3 -6.54 20.37 7.65
CA TYR C 3 -5.87 19.59 6.62
C TYR C 3 -4.38 19.97 6.60
N CYS C 4 -3.49 18.99 6.45
CA CYS C 4 -2.04 19.27 6.41
C CYS C 4 -1.49 19.28 4.98
N ASN C 5 -1.02 20.43 4.52
CA ASN C 5 -0.46 20.51 3.17
C ASN C 5 0.73 19.57 3.01
N LYS C 6 0.81 18.88 1.89
CA LYS C 6 1.90 17.94 1.64
C LYS C 6 2.69 18.30 0.37
N LYS C 7 3.97 17.97 0.39
CA LYS C 7 4.83 18.22 -0.76
C LYS C 7 5.25 16.89 -1.36
N HIS C 8 5.60 16.91 -2.64
CA HIS C 8 6.05 15.73 -3.38
C HIS C 8 7.24 15.11 -2.61
N THR C 9 7.20 13.79 -2.43
CA THR C 9 8.25 13.07 -1.73
C THR C 9 9.52 13.09 -2.60
N ALA C 10 10.67 13.24 -1.98
CA ALA C 10 11.94 13.29 -2.69
C ALA C 10 12.32 11.96 -3.33
N GLU C 11 12.87 11.99 -4.54
CA GLU C 11 13.29 10.75 -5.17
C GLU C 11 14.63 10.35 -4.52
N GLU C 12 15.01 9.08 -4.60
CA GLU C 12 16.25 8.65 -4.00
C GLU C 12 17.10 7.80 -4.92
N TYR C 13 18.43 7.85 -4.70
CA TYR C 13 19.40 7.06 -5.46
C TYR C 13 20.43 6.52 -4.48
N VAL C 14 20.65 5.21 -4.51
CA VAL C 14 21.62 4.59 -3.61
C VAL C 14 22.55 3.65 -4.37
N LYS C 15 23.84 3.98 -4.38
CA LYS C 15 24.82 3.15 -5.04
C LYS C 15 25.12 1.99 -4.09
N ILE C 16 25.13 0.78 -4.61
CA ILE C 16 25.39 -0.40 -3.80
C ILE C 16 26.88 -0.78 -3.89
N SER C 17 27.62 -0.53 -2.81
CA SER C 17 29.06 -0.83 -2.75
C SER C 17 29.37 -2.02 -1.85
N ASP C 18 30.29 -2.88 -2.27
CA ASP C 18 30.65 -4.06 -1.46
C ASP C 18 31.11 -3.62 -0.07
N ASN C 19 31.70 -2.43 -0.03
CA ASN C 19 32.24 -1.82 1.19
C ASN C 19 31.18 -1.55 2.26
N ASN C 20 29.91 -1.47 1.88
CA ASN C 20 28.88 -1.16 2.85
C ASN C 20 28.07 -2.29 3.45
N TYR C 21 28.36 -3.53 3.06
CA TYR C 21 27.65 -4.67 3.63
C TYR C 21 28.18 -4.86 5.05
N VAL C 22 27.28 -5.10 6.00
CA VAL C 22 27.66 -5.31 7.40
C VAL C 22 27.03 -6.62 7.91
N PRO C 23 27.57 -7.21 9.01
CA PRO C 23 27.02 -8.45 9.55
C PRO C 23 25.56 -8.31 9.98
N PHE C 24 24.72 -9.24 9.55
CA PHE C 24 23.30 -9.24 9.92
C PHE C 24 23.24 -9.73 11.39
N PRO C 25 22.35 -9.15 12.22
CA PRO C 25 22.26 -9.58 13.62
C PRO C 25 22.26 -11.09 13.87
N GLU C 26 23.19 -11.54 14.70
CA GLU C 26 23.34 -12.96 15.03
C GLU C 26 22.11 -13.51 15.74
N ALA C 27 21.37 -12.64 16.40
CA ALA C 27 20.19 -13.08 17.11
C ALA C 27 19.11 -13.59 16.16
N PHE C 28 19.14 -13.14 14.91
CA PHE C 28 18.13 -13.52 13.92
C PHE C 28 18.63 -14.29 12.70
N SER C 29 19.83 -14.84 12.76
CA SER C 29 20.38 -15.60 11.64
C SER C 29 21.51 -16.53 12.07
N ASP C 30 21.88 -17.43 11.17
CA ASP C 30 22.96 -18.39 11.39
C ASP C 30 23.85 -18.37 10.15
N GLY C 31 25.16 -18.36 10.35
CA GLY C 31 26.08 -18.30 9.22
C GLY C 31 26.45 -16.84 9.02
N GLY C 32 27.52 -16.58 8.26
CA GLY C 32 27.96 -15.20 8.07
C GLY C 32 27.18 -14.31 7.10
N ILE C 33 25.85 -14.20 7.28
CA ILE C 33 25.02 -13.36 6.42
C ILE C 33 25.33 -11.87 6.61
N THR C 34 25.49 -11.15 5.50
CA THR C 34 25.74 -9.71 5.53
C THR C 34 24.64 -9.03 4.73
N TRP C 35 24.41 -7.74 5.00
CA TRP C 35 23.34 -7.02 4.32
C TRP C 35 23.52 -5.50 4.27
N GLN C 36 22.56 -4.85 3.63
CA GLN C 36 22.51 -3.40 3.50
C GLN C 36 21.04 -2.98 3.46
N LEU C 37 20.66 -1.98 4.26
CA LEU C 37 19.30 -1.46 4.23
C LEU C 37 19.36 -0.43 3.11
N LEU C 38 18.44 -0.51 2.15
CA LEU C 38 18.43 0.40 1.03
C LEU C 38 17.41 1.53 1.09
N HIS C 39 16.26 1.30 1.72
CA HIS C 39 15.22 2.32 1.82
C HIS C 39 14.14 2.01 2.85
N SER C 40 13.60 3.06 3.46
CA SER C 40 12.52 2.97 4.44
C SER C 40 11.42 3.96 4.05
N SER C 41 10.17 3.51 4.09
CA SER C 41 9.02 4.39 3.80
C SER C 41 8.24 4.47 5.09
N PRO C 42 8.57 5.44 5.95
CA PRO C 42 7.90 5.65 7.25
C PRO C 42 6.40 5.89 7.19
N GLU C 43 5.92 6.42 6.07
CA GLU C 43 4.50 6.71 5.89
C GLU C 43 3.74 5.45 5.47
N THR C 44 4.31 4.73 4.52
CA THR C 44 3.73 3.49 3.97
C THR C 44 3.94 2.27 4.89
N SER C 45 5.12 2.25 5.52
CA SER C 45 5.59 1.20 6.43
C SER C 45 6.36 0.11 5.67
N SER C 46 6.72 0.40 4.43
CA SER C 46 7.49 -0.55 3.62
C SER C 46 8.98 -0.22 3.74
N TRP C 47 9.82 -1.21 3.44
CA TRP C 47 11.27 -1.07 3.48
C TRP C 47 11.92 -2.05 2.50
N THR C 48 13.14 -1.72 2.07
CA THR C 48 13.89 -2.51 1.09
C THR C 48 15.35 -2.74 1.51
N ALA C 49 15.86 -3.93 1.25
CA ALA C 49 17.24 -4.28 1.61
C ALA C 49 17.82 -5.32 0.64
N ILE C 50 19.13 -5.54 0.74
CA ILE C 50 19.82 -6.52 -0.10
C ILE C 50 20.71 -7.38 0.80
N PHE C 51 20.80 -8.67 0.49
CA PHE C 51 21.56 -9.62 1.30
C PHE C 51 22.54 -10.53 0.54
N ASN C 52 23.66 -10.85 1.20
CA ASN C 52 24.68 -11.76 0.69
C ASN C 52 24.72 -12.91 1.71
N CYS C 53 24.47 -14.13 1.26
CA CYS C 53 24.41 -15.28 2.16
C CYS C 53 25.38 -16.41 1.82
N PRO C 54 26.21 -16.82 2.80
CA PRO C 54 27.18 -17.89 2.60
C PRO C 54 26.49 -19.26 2.52
N ALA C 55 27.21 -20.26 2.00
CA ALA C 55 26.65 -21.60 1.92
C ALA C 55 26.32 -22.08 3.33
N GLY C 56 25.13 -22.67 3.49
CA GLY C 56 24.71 -23.17 4.78
C GLY C 56 24.11 -22.16 5.75
N SER C 57 23.96 -20.92 5.31
CA SER C 57 23.40 -19.88 6.19
C SER C 57 21.87 -19.88 6.15
N SER C 58 21.27 -19.23 7.14
CA SER C 58 19.82 -19.16 7.23
C SER C 58 19.34 -18.02 8.11
N PHE C 59 18.03 -17.77 8.08
CA PHE C 59 17.40 -16.75 8.90
C PHE C 59 16.58 -17.47 9.98
N ALA C 60 16.40 -16.81 11.13
CA ALA C 60 15.63 -17.35 12.23
C ALA C 60 14.16 -17.40 11.85
N SER C 61 13.37 -18.23 12.55
CA SER C 61 11.94 -18.37 12.26
C SER C 61 11.15 -17.07 12.34
N HIS C 62 10.34 -16.80 11.33
CA HIS C 62 9.53 -15.59 11.32
C HIS C 62 8.29 -15.72 10.44
N ILE C 63 7.35 -14.81 10.63
CA ILE C 63 6.11 -14.74 9.86
C ILE C 63 6.06 -13.35 9.22
N HIS C 64 5.65 -13.29 7.96
CA HIS C 64 5.54 -12.02 7.25
C HIS C 64 4.16 -11.40 7.53
N ALA C 65 4.14 -10.22 8.13
CA ALA C 65 2.89 -9.55 8.44
C ALA C 65 2.21 -9.03 7.17
N GLY C 66 3.01 -8.67 6.18
CA GLY C 66 2.49 -8.17 4.93
C GLY C 66 3.19 -8.79 3.74
N PRO C 67 2.80 -8.46 2.50
CA PRO C 67 3.46 -9.05 1.33
C PRO C 67 4.90 -8.60 1.15
N GLY C 68 5.73 -9.51 0.66
CA GLY C 68 7.13 -9.22 0.42
C GLY C 68 7.49 -9.80 -0.93
N GLU C 69 8.38 -9.14 -1.66
CA GLU C 69 8.80 -9.61 -2.98
C GLU C 69 10.32 -9.70 -3.06
N TYR C 70 10.83 -10.83 -3.52
CA TYR C 70 12.28 -10.98 -3.61
C TYR C 70 12.79 -11.23 -5.01
N PHE C 71 14.03 -10.81 -5.24
CA PHE C 71 14.72 -10.97 -6.51
C PHE C 71 16.06 -11.66 -6.17
N LEU C 72 16.15 -12.97 -6.45
CA LEU C 72 17.36 -13.75 -6.20
C LEU C 72 18.27 -13.57 -7.40
N THR C 73 19.34 -12.81 -7.21
CA THR C 73 20.28 -12.52 -8.28
C THR C 73 21.42 -13.51 -8.40
N LYS C 74 21.73 -14.20 -7.31
CA LYS C 74 22.80 -15.20 -7.31
C LYS C 74 22.55 -16.32 -6.32
N GLY C 75 22.89 -17.54 -6.72
CA GLY C 75 22.70 -18.68 -5.82
C GLY C 75 21.40 -19.45 -5.86
N LYS C 76 21.07 -20.03 -4.71
CA LYS C 76 19.86 -20.83 -4.57
C LYS C 76 19.29 -20.62 -3.18
N MET C 77 17.96 -20.55 -3.09
CA MET C 77 17.28 -20.32 -1.83
C MET C 77 16.06 -21.22 -1.65
N GLU C 78 15.95 -21.83 -0.46
CA GLU C 78 14.83 -22.69 -0.15
C GLU C 78 13.90 -21.97 0.81
N VAL C 79 12.67 -21.75 0.36
CA VAL C 79 11.68 -21.05 1.15
C VAL C 79 10.54 -21.99 1.50
N ARG C 80 9.96 -21.78 2.68
CA ARG C 80 8.84 -22.60 3.14
C ARG C 80 9.16 -24.11 3.09
N GLY C 81 10.41 -24.45 3.34
CA GLY C 81 10.82 -25.84 3.35
C GLY C 81 11.43 -26.33 2.06
N GLY C 82 11.45 -25.48 1.04
CA GLY C 82 12.00 -25.87 -0.25
C GLY C 82 11.01 -26.71 -1.01
N GLU C 83 11.31 -27.00 -2.26
CA GLU C 83 10.41 -27.80 -3.07
C GLU C 83 10.19 -29.21 -2.52
N GLN C 84 11.19 -29.73 -1.80
CA GLN C 84 11.11 -31.06 -1.22
C GLN C 84 10.10 -31.16 -0.08
N GLU C 85 9.74 -30.02 0.51
CA GLU C 85 8.78 -29.98 1.61
C GLU C 85 7.54 -29.16 1.28
N GLY C 86 7.13 -29.15 0.03
CA GLY C 86 5.94 -28.39 -0.35
C GLY C 86 6.12 -26.89 -0.51
N GLY C 87 7.34 -26.39 -0.33
CA GLY C 87 7.59 -24.97 -0.47
C GLY C 87 8.20 -24.67 -1.84
N SER C 88 9.07 -23.66 -1.91
CA SER C 88 9.70 -23.31 -3.19
C SER C 88 11.22 -23.32 -3.13
N THR C 89 11.84 -23.74 -4.22
CA THR C 89 13.29 -23.74 -4.31
C THR C 89 13.62 -22.79 -5.46
N ALA C 90 14.26 -21.68 -5.14
CA ALA C 90 14.60 -20.66 -6.14
C ALA C 90 16.02 -20.75 -6.67
N TYR C 91 16.18 -20.58 -7.98
CA TYR C 91 17.49 -20.59 -8.62
C TYR C 91 17.69 -19.24 -9.30
N ALA C 92 18.86 -18.65 -9.15
CA ALA C 92 19.12 -17.35 -9.75
C ALA C 92 19.29 -17.39 -11.27
N PRO C 93 18.70 -16.43 -11.99
CA PRO C 93 17.89 -15.33 -11.43
C PRO C 93 16.42 -15.75 -11.31
N SER C 94 15.75 -15.31 -10.26
CA SER C 94 14.34 -15.63 -10.07
C SER C 94 13.62 -14.64 -9.16
N TYR C 95 12.30 -14.72 -9.15
CA TYR C 95 11.45 -13.83 -8.37
C TYR C 95 10.48 -14.61 -7.50
N GLY C 96 10.01 -13.98 -6.42
CA GLY C 96 9.07 -14.64 -5.54
C GLY C 96 8.13 -13.66 -4.84
N PHE C 97 6.89 -14.10 -4.64
CA PHE C 97 5.88 -13.30 -3.94
C PHE C 97 5.54 -14.08 -2.68
N GLU C 98 5.92 -13.53 -1.53
CA GLU C 98 5.64 -14.15 -0.24
C GLU C 98 4.59 -13.29 0.45
N SER C 99 3.37 -13.81 0.45
CA SER C 99 2.22 -13.12 0.99
C SER C 99 2.16 -12.94 2.51
N SER C 100 1.23 -12.08 2.91
CA SER C 100 0.97 -11.79 4.31
C SER C 100 0.59 -13.11 4.98
N GLY C 101 1.27 -13.43 6.08
CA GLY C 101 0.99 -14.67 6.78
C GLY C 101 1.98 -15.78 6.48
N ALA C 102 2.79 -15.62 5.44
CA ALA C 102 3.77 -16.62 5.06
C ALA C 102 4.68 -16.95 6.25
N LEU C 103 4.79 -18.25 6.54
CA LEU C 103 5.63 -18.70 7.64
C LEU C 103 6.98 -19.19 7.14
N HIS C 104 8.06 -18.57 7.61
CA HIS C 104 9.39 -18.96 7.19
C HIS C 104 10.22 -19.45 8.39
N GLY C 105 10.08 -20.74 8.69
CA GLY C 105 10.81 -21.32 9.81
C GLY C 105 12.32 -21.31 9.67
N LYS C 106 12.82 -21.51 8.45
CA LYS C 106 14.26 -21.49 8.24
C LYS C 106 14.66 -21.33 6.78
N THR C 107 14.48 -20.12 6.24
CA THR C 107 14.86 -19.84 4.86
C THR C 107 16.34 -20.22 4.81
N PHE C 108 16.68 -21.13 3.92
CA PHE C 108 18.04 -21.67 3.83
C PHE C 108 18.76 -21.44 2.49
N PHE C 109 20.07 -21.24 2.57
CA PHE C 109 20.90 -21.04 1.36
C PHE C 109 22.00 -22.10 1.30
N PRO C 110 21.81 -23.12 0.44
CA PRO C 110 22.76 -24.23 0.26
C PRO C 110 24.02 -23.83 -0.48
N VAL C 111 24.00 -22.65 -1.06
CA VAL C 111 25.10 -22.14 -1.85
C VAL C 111 25.26 -20.64 -1.59
N GLU C 112 26.45 -20.10 -1.86
CA GLU C 112 26.68 -18.67 -1.65
C GLU C 112 25.71 -17.94 -2.58
N SER C 113 24.87 -17.10 -1.99
CA SER C 113 23.83 -16.38 -2.73
C SER C 113 23.69 -14.90 -2.42
N GLN C 114 22.83 -14.24 -3.20
CA GLN C 114 22.53 -12.82 -3.06
C GLN C 114 21.08 -12.57 -3.46
N PHE C 115 20.36 -11.77 -2.67
CA PHE C 115 18.98 -11.45 -3.01
C PHE C 115 18.54 -10.09 -2.46
N TYR C 116 17.69 -9.44 -3.26
CA TYR C 116 17.11 -8.12 -3.00
C TYR C 116 15.64 -8.36 -2.63
N MET C 117 15.13 -7.60 -1.67
CA MET C 117 13.74 -7.78 -1.25
C MET C 117 13.08 -6.55 -0.68
N THR C 118 11.79 -6.39 -0.96
CA THR C 118 10.99 -5.27 -0.46
C THR C 118 9.95 -5.86 0.50
N PHE C 119 9.76 -5.23 1.65
CA PHE C 119 8.79 -5.71 2.65
C PHE C 119 7.74 -4.66 3.01
N LEU C 120 6.47 -5.08 3.11
CA LEU C 120 5.39 -4.17 3.51
C LEU C 120 5.02 -4.61 4.92
N GLY C 121 5.34 -3.80 5.92
CA GLY C 121 5.03 -4.19 7.28
C GLY C 121 6.20 -4.91 7.93
N PRO C 122 6.05 -5.36 9.18
CA PRO C 122 7.15 -6.04 9.88
C PRO C 122 7.27 -7.55 9.68
N LEU C 123 8.40 -8.08 10.16
CA LEU C 123 8.69 -9.51 10.13
C LEU C 123 8.65 -9.91 11.60
N ASN C 124 7.70 -10.77 11.96
CA ASN C 124 7.56 -11.21 13.35
C ASN C 124 8.36 -12.48 13.61
N PHE C 125 9.52 -12.32 14.25
CA PHE C 125 10.36 -13.47 14.58
C PHE C 125 9.74 -14.17 15.78
N ILE C 126 9.57 -15.48 15.66
CA ILE C 126 8.92 -16.29 16.69
C ILE C 126 9.80 -17.35 17.33
N ASP C 127 9.42 -17.78 18.54
CA ASP C 127 10.17 -18.81 19.24
C ASP C 127 9.70 -20.19 18.81
N ASP C 128 10.18 -21.23 19.50
CA ASP C 128 9.83 -22.59 19.15
C ASP C 128 8.37 -22.93 19.39
N ASN C 129 7.68 -22.05 20.10
CA ASN C 129 6.27 -22.26 20.40
C ASN C 129 5.39 -21.30 19.59
N GLY C 130 5.99 -20.63 18.62
CA GLY C 130 5.24 -19.71 17.77
C GLY C 130 4.91 -18.36 18.38
N LYS C 131 5.48 -18.04 19.54
CA LYS C 131 5.18 -16.75 20.16
C LYS C 131 6.16 -15.69 19.62
N VAL C 132 5.64 -14.49 19.39
CA VAL C 132 6.44 -13.40 18.86
C VAL C 132 7.47 -12.90 19.86
N ILE C 133 8.73 -12.94 19.45
CA ILE C 133 9.78 -12.46 20.33
C ILE C 133 10.22 -11.08 19.91
N ALA C 134 9.98 -10.73 18.64
CA ALA C 134 10.34 -9.41 18.13
C ALA C 134 9.65 -9.11 16.79
N SER C 135 9.05 -7.93 16.69
CA SER C 135 8.38 -7.52 15.46
C SER C 135 9.30 -6.50 14.79
N ILE C 136 9.96 -6.92 13.73
CA ILE C 136 10.92 -6.08 13.04
C ILE C 136 10.41 -5.40 11.77
N GLY C 137 10.20 -4.09 11.86
CA GLY C 137 9.72 -3.32 10.74
C GLY C 137 10.79 -2.35 10.24
N TRP C 138 10.40 -1.35 9.46
CA TRP C 138 11.37 -0.40 8.93
C TRP C 138 12.15 0.30 10.05
N ALA C 139 11.47 0.68 11.12
CA ALA C 139 12.13 1.38 12.21
C ALA C 139 13.17 0.52 12.95
N GLU C 140 12.82 -0.74 13.19
CA GLU C 140 13.74 -1.63 13.89
C GLU C 140 14.91 -1.98 12.99
N ALA C 141 14.62 -2.17 11.70
CA ALA C 141 15.63 -2.50 10.71
C ALA C 141 16.62 -1.34 10.57
N GLN C 142 16.10 -0.12 10.54
CA GLN C 142 16.95 1.06 10.42
C GLN C 142 17.81 1.23 11.67
N GLY C 143 17.23 0.97 12.83
CA GLY C 143 18.00 1.08 14.06
C GLY C 143 19.20 0.14 14.07
N ALA C 144 18.97 -1.10 13.65
CA ALA C 144 20.05 -2.09 13.61
C ALA C 144 21.09 -1.71 12.56
N TRP C 145 20.62 -1.34 11.37
CA TRP C 145 21.50 -0.95 10.28
C TRP C 145 22.45 0.18 10.68
N LEU C 146 21.93 1.22 11.34
CA LEU C 146 22.77 2.35 11.74
C LEU C 146 23.63 2.05 12.97
N ALA C 147 23.16 1.14 13.82
CA ALA C 147 23.90 0.78 15.01
C ALA C 147 25.17 0.03 14.62
N THR C 148 25.11 -0.72 13.52
CA THR C 148 26.28 -1.46 13.08
C THR C 148 27.12 -0.64 12.11
N LYS C 149 26.46 0.01 11.16
CA LYS C 149 27.15 0.81 10.16
C LYS C 149 27.95 1.96 10.80
N MET D 1 -26.03 -7.01 1.67
CA MET D 1 -24.85 -7.90 1.51
C MET D 1 -24.02 -7.87 2.79
N ASP D 2 -23.25 -8.93 3.02
CA ASP D 2 -22.45 -9.06 4.23
C ASP D 2 -20.94 -9.12 4.00
N TYR D 3 -20.20 -9.15 5.10
CA TYR D 3 -18.74 -9.23 5.09
C TYR D 3 -18.31 -10.41 4.21
N CYS D 4 -17.28 -10.21 3.41
CA CYS D 4 -16.76 -11.27 2.52
C CYS D 4 -15.55 -11.96 3.14
N ASN D 5 -15.67 -13.26 3.40
CA ASN D 5 -14.57 -14.02 3.99
C ASN D 5 -13.41 -14.12 3.01
N LYS D 6 -12.20 -14.06 3.55
CA LYS D 6 -10.98 -14.12 2.74
C LYS D 6 -10.04 -15.20 3.27
N LYS D 7 -9.17 -15.70 2.40
CA LYS D 7 -8.20 -16.71 2.76
C LYS D 7 -6.84 -16.17 2.35
N HIS D 8 -5.80 -16.74 2.95
CA HIS D 8 -4.42 -16.39 2.71
C HIS D 8 -4.13 -16.38 1.20
N THR D 9 -3.43 -15.33 0.74
CA THR D 9 -3.08 -15.21 -0.68
C THR D 9 -1.94 -16.18 -0.99
N ALA D 10 -2.02 -16.86 -2.12
CA ALA D 10 -1.00 -17.83 -2.53
C ALA D 10 0.37 -17.23 -2.84
N GLU D 11 1.42 -17.84 -2.28
CA GLU D 11 2.78 -17.38 -2.53
C GLU D 11 3.09 -17.72 -4.00
N GLU D 12 4.09 -17.05 -4.58
CA GLU D 12 4.46 -17.29 -5.98
C GLU D 12 5.97 -17.37 -6.20
N TYR D 13 6.36 -18.18 -7.19
CA TYR D 13 7.76 -18.32 -7.56
C TYR D 13 7.81 -18.26 -9.08
N VAL D 14 8.68 -17.40 -9.61
CA VAL D 14 8.80 -17.27 -11.07
C VAL D 14 10.27 -17.33 -11.47
N LYS D 15 10.61 -18.30 -12.32
CA LYS D 15 11.99 -18.41 -12.78
C LYS D 15 12.17 -17.44 -13.93
N ILE D 16 13.21 -16.61 -13.83
CA ILE D 16 13.49 -15.63 -14.87
C ILE D 16 14.41 -16.24 -15.91
N SER D 17 13.82 -16.68 -17.02
CA SER D 17 14.54 -17.30 -18.12
C SER D 17 14.58 -16.37 -19.32
N ASP D 18 15.66 -16.45 -20.10
CA ASP D 18 15.76 -15.61 -21.28
C ASP D 18 14.70 -15.99 -22.31
N ASN D 19 14.11 -17.16 -22.15
CA ASN D 19 13.07 -17.63 -23.08
C ASN D 19 11.85 -16.75 -23.03
N ASN D 20 11.67 -16.08 -21.89
CA ASN D 20 10.48 -15.26 -21.69
C ASN D 20 10.55 -13.78 -22.05
N TYR D 21 11.73 -13.26 -22.36
CA TYR D 21 11.81 -11.84 -22.71
C TYR D 21 11.24 -11.59 -24.10
N VAL D 22 10.31 -10.64 -24.19
CA VAL D 22 9.69 -10.31 -25.46
C VAL D 22 9.80 -8.81 -25.72
N PRO D 23 9.60 -8.38 -26.97
CA PRO D 23 9.69 -6.96 -27.33
C PRO D 23 8.66 -6.12 -26.57
N PHE D 24 9.13 -5.02 -25.98
CA PHE D 24 8.28 -4.10 -25.24
C PHE D 24 7.55 -3.26 -26.32
N PRO D 25 6.26 -2.92 -26.10
CA PRO D 25 5.54 -2.12 -27.11
C PRO D 25 6.28 -0.90 -27.62
N GLU D 26 6.40 -0.81 -28.94
CA GLU D 26 7.10 0.30 -29.58
C GLU D 26 6.43 1.66 -29.40
N ALA D 27 5.15 1.65 -29.02
CA ALA D 27 4.41 2.90 -28.81
C ALA D 27 4.81 3.59 -27.50
N PHE D 28 5.53 2.87 -26.65
CA PHE D 28 5.95 3.43 -25.36
C PHE D 28 7.46 3.34 -25.12
N SER D 29 8.22 3.11 -26.18
CA SER D 29 9.68 3.03 -26.06
C SER D 29 10.39 3.14 -27.42
N ASP D 30 11.69 3.42 -27.37
CA ASP D 30 12.50 3.54 -28.58
C ASP D 30 13.72 2.62 -28.37
N GLY D 31 14.14 1.92 -29.41
CA GLY D 31 15.27 1.02 -29.27
C GLY D 31 14.69 -0.37 -29.06
N GLY D 32 15.54 -1.39 -29.05
CA GLY D 32 15.00 -2.74 -28.88
C GLY D 32 14.81 -3.18 -27.44
N ILE D 33 14.00 -2.49 -26.66
CA ILE D 33 13.79 -2.88 -25.26
C ILE D 33 12.92 -4.14 -25.16
N THR D 34 13.39 -5.11 -24.37
CA THR D 34 12.67 -6.35 -24.16
C THR D 34 12.31 -6.44 -22.68
N TRP D 35 11.32 -7.24 -22.32
CA TRP D 35 10.91 -7.31 -20.94
C TRP D 35 10.16 -8.60 -20.56
N GLN D 36 9.85 -8.70 -19.26
CA GLN D 36 9.12 -9.83 -18.68
C GLN D 36 8.25 -9.31 -17.55
N LEU D 37 6.96 -9.65 -17.56
CA LEU D 37 6.09 -9.26 -16.47
C LEU D 37 6.29 -10.38 -15.45
N LEU D 38 6.48 -10.02 -14.18
CA LEU D 38 6.70 -11.00 -13.12
C LEU D 38 5.55 -11.22 -12.16
N HIS D 39 4.83 -10.15 -11.83
CA HIS D 39 3.71 -10.24 -10.88
C HIS D 39 2.75 -9.07 -10.93
N SER D 40 1.46 -9.37 -10.72
CA SER D 40 0.38 -8.37 -10.69
C SER D 40 -0.43 -8.59 -9.40
N SER D 41 -0.67 -7.52 -8.65
CA SER D 41 -1.50 -7.61 -7.43
C SER D 41 -2.77 -6.83 -7.78
N PRO D 42 -3.82 -7.52 -8.25
CA PRO D 42 -5.09 -6.87 -8.62
C PRO D 42 -5.83 -6.17 -7.47
N GLU D 43 -5.55 -6.60 -6.25
CA GLU D 43 -6.19 -6.02 -5.08
C GLU D 43 -5.45 -4.76 -4.65
N THR D 44 -4.12 -4.85 -4.60
CA THR D 44 -3.27 -3.74 -4.19
C THR D 44 -3.06 -2.68 -5.29
N SER D 45 -3.04 -3.13 -6.55
CA SER D 45 -2.83 -2.23 -7.69
C SER D 45 -1.34 -2.18 -8.07
N SER D 46 -0.52 -2.97 -7.39
CA SER D 46 0.92 -2.99 -7.68
C SER D 46 1.28 -4.07 -8.69
N TRP D 47 2.42 -3.90 -9.36
CA TRP D 47 2.91 -4.87 -10.33
C TRP D 47 4.43 -4.80 -10.41
N THR D 48 5.04 -5.88 -10.89
CA THR D 48 6.50 -6.03 -10.97
C THR D 48 6.97 -6.62 -12.30
N ALA D 49 8.12 -6.13 -12.80
CA ALA D 49 8.67 -6.63 -14.06
C ALA D 49 10.18 -6.42 -14.12
N ILE D 50 10.80 -6.99 -15.16
CA ILE D 50 12.24 -6.83 -15.36
C ILE D 50 12.49 -6.48 -16.82
N PHE D 51 13.46 -5.61 -17.09
CA PHE D 51 13.75 -5.17 -18.46
C PHE D 51 15.21 -5.27 -18.92
N ASN D 52 15.40 -5.60 -20.20
CA ASN D 52 16.74 -5.66 -20.80
C ASN D 52 16.71 -4.53 -21.83
N CYS D 53 17.59 -3.54 -21.66
CA CYS D 53 17.60 -2.38 -22.56
C CYS D 53 18.88 -2.19 -23.35
N PRO D 54 18.79 -2.19 -24.70
CA PRO D 54 19.94 -2.01 -25.58
C PRO D 54 20.56 -0.61 -25.42
N ALA D 55 21.83 -0.46 -25.78
CA ALA D 55 22.48 0.84 -25.70
C ALA D 55 21.70 1.80 -26.59
N GLY D 56 21.44 3.00 -26.09
CA GLY D 56 20.70 3.99 -26.87
C GLY D 56 19.18 3.91 -26.80
N SER D 57 18.63 2.98 -26.03
CA SER D 57 17.17 2.85 -25.93
C SER D 57 16.57 3.73 -24.83
N SER D 58 15.25 3.90 -24.86
CA SER D 58 14.57 4.74 -23.88
C SER D 58 13.07 4.47 -23.82
N PHE D 59 12.42 5.04 -22.81
CA PHE D 59 10.98 4.89 -22.63
C PHE D 59 10.30 6.22 -22.96
N ALA D 60 9.09 6.13 -23.49
CA ALA D 60 8.30 7.32 -23.84
C ALA D 60 7.98 8.12 -22.57
N SER D 61 7.68 9.40 -22.73
CA SER D 61 7.38 10.29 -21.61
C SER D 61 6.22 9.81 -20.74
N HIS D 62 6.45 9.79 -19.42
CA HIS D 62 5.42 9.35 -18.48
C HIS D 62 5.61 9.94 -17.09
N ILE D 63 4.55 9.83 -16.28
CA ILE D 63 4.56 10.30 -14.90
C ILE D 63 4.14 9.12 -14.02
N HIS D 64 4.79 8.96 -12.87
CA HIS D 64 4.44 7.87 -11.97
C HIS D 64 3.33 8.30 -11.04
N ALA D 65 2.18 7.64 -11.16
CA ALA D 65 1.05 7.97 -10.31
C ALA D 65 1.35 7.61 -8.86
N GLY D 66 2.23 6.63 -8.65
CA GLY D 66 2.57 6.21 -7.30
C GLY D 66 4.05 5.85 -7.18
N PRO D 67 4.51 5.47 -5.98
CA PRO D 67 5.91 5.12 -5.81
C PRO D 67 6.38 3.88 -6.59
N GLY D 68 7.60 3.95 -7.08
CA GLY D 68 8.20 2.84 -7.82
C GLY D 68 9.63 2.66 -7.32
N GLU D 69 10.09 1.42 -7.23
CA GLU D 69 11.45 1.13 -6.77
C GLU D 69 12.21 0.25 -7.76
N TYR D 70 13.42 0.64 -8.12
CA TYR D 70 14.19 -0.14 -9.07
C TYR D 70 15.55 -0.61 -8.57
N PHE D 71 16.03 -1.70 -9.17
CA PHE D 71 17.31 -2.29 -8.86
C PHE D 71 18.03 -2.46 -10.22
N LEU D 72 18.98 -1.58 -10.49
CA LEU D 72 19.76 -1.62 -11.74
C LEU D 72 20.88 -2.63 -11.51
N THR D 73 20.75 -3.77 -12.18
CA THR D 73 21.70 -4.87 -12.06
C THR D 73 22.84 -4.84 -13.08
N LYS D 74 22.61 -4.19 -14.22
CA LYS D 74 23.60 -4.10 -15.28
C LYS D 74 23.50 -2.76 -16.00
N GLY D 75 24.64 -2.23 -16.42
CA GLY D 75 24.66 -0.98 -17.18
C GLY D 75 24.60 0.37 -16.48
N LYS D 76 23.97 1.32 -17.14
CA LYS D 76 23.84 2.67 -16.64
C LYS D 76 22.48 3.21 -17.06
N MET D 77 21.89 4.08 -16.24
CA MET D 77 20.58 4.63 -16.54
C MET D 77 20.45 6.09 -16.11
N GLU D 78 19.96 6.94 -17.02
CA GLU D 78 19.77 8.35 -16.70
C GLU D 78 18.29 8.59 -16.44
N VAL D 79 17.96 9.00 -15.22
CA VAL D 79 16.57 9.26 -14.87
C VAL D 79 16.34 10.74 -14.54
N ARG D 80 15.17 11.24 -14.92
CA ARG D 80 14.83 12.63 -14.67
C ARG D 80 15.86 13.58 -15.29
N GLY D 81 16.41 13.18 -16.44
CA GLY D 81 17.39 14.01 -17.12
C GLY D 81 18.85 13.75 -16.82
N GLY D 82 19.14 12.84 -15.90
CA GLY D 82 20.53 12.54 -15.55
C GLY D 82 21.09 13.52 -14.54
N GLU D 83 22.21 13.19 -13.89
CA GLU D 83 22.78 14.11 -12.90
C GLU D 83 23.19 15.42 -13.56
N GLN D 84 23.31 15.36 -14.88
CA GLN D 84 23.69 16.48 -15.72
C GLN D 84 22.57 17.54 -15.73
N GLU D 85 21.34 17.10 -15.53
CA GLU D 85 20.19 18.00 -15.55
C GLU D 85 19.39 17.99 -14.24
N GLY D 86 20.06 17.76 -13.12
CA GLY D 86 19.35 17.75 -11.85
C GLY D 86 18.61 16.45 -11.56
N GLY D 87 18.91 15.42 -12.35
CA GLY D 87 18.29 14.13 -12.15
C GLY D 87 19.31 13.19 -11.56
N SER D 88 19.23 11.90 -11.91
CA SER D 88 20.19 10.92 -11.39
C SER D 88 20.75 10.06 -12.51
N THR D 89 22.01 9.68 -12.35
CA THR D 89 22.65 8.79 -13.32
C THR D 89 23.05 7.56 -12.48
N ALA D 90 22.31 6.48 -12.69
CA ALA D 90 22.52 5.25 -11.95
C ALA D 90 23.52 4.29 -12.60
N TYR D 91 24.42 3.77 -11.77
CA TYR D 91 25.43 2.79 -12.21
C TYR D 91 25.19 1.48 -11.47
N ALA D 92 25.17 0.37 -12.22
CA ALA D 92 24.94 -0.94 -11.62
C ALA D 92 26.14 -1.37 -10.78
N PRO D 93 25.90 -1.93 -9.57
CA PRO D 93 24.58 -2.17 -8.99
C PRO D 93 24.10 -0.97 -8.19
N SER D 94 22.85 -0.58 -8.38
CA SER D 94 22.30 0.55 -7.63
C SER D 94 20.78 0.45 -7.49
N TYR D 95 20.26 1.23 -6.56
CA TYR D 95 18.84 1.24 -6.23
C TYR D 95 18.26 2.65 -6.38
N GLY D 96 16.97 2.74 -6.63
CA GLY D 96 16.35 4.05 -6.75
C GLY D 96 14.91 4.08 -6.29
N PHE D 97 14.49 5.17 -5.66
CA PHE D 97 13.10 5.33 -5.23
C PHE D 97 12.53 6.50 -6.04
N GLU D 98 11.57 6.19 -6.91
CA GLU D 98 10.94 7.20 -7.74
C GLU D 98 9.50 7.37 -7.25
N SER D 99 9.29 8.46 -6.52
CA SER D 99 8.02 8.78 -5.90
C SER D 99 6.85 9.18 -6.79
N SER D 100 5.67 9.17 -6.16
CA SER D 100 4.42 9.56 -6.82
C SER D 100 4.56 10.97 -7.35
N GLY D 101 4.35 11.13 -8.65
CA GLY D 101 4.46 12.44 -9.29
C GLY D 101 5.76 12.59 -10.06
N ALA D 102 6.64 11.59 -9.97
CA ALA D 102 7.92 11.67 -10.66
C ALA D 102 7.74 11.78 -12.17
N LEU D 103 8.37 12.78 -12.78
CA LEU D 103 8.27 12.99 -14.21
C LEU D 103 9.48 12.43 -14.94
N HIS D 104 9.25 11.44 -15.80
CA HIS D 104 10.31 10.81 -16.57
C HIS D 104 10.11 11.07 -18.07
N GLY D 105 10.60 12.22 -18.53
CA GLY D 105 10.46 12.58 -19.93
C GLY D 105 11.10 11.62 -20.93
N LYS D 106 12.26 11.08 -20.58
CA LYS D 106 12.98 10.17 -21.46
C LYS D 106 14.08 9.38 -20.74
N THR D 107 13.69 8.43 -19.89
CA THR D 107 14.64 7.58 -19.17
C THR D 107 15.50 6.94 -20.26
N PHE D 108 16.81 7.15 -20.17
CA PHE D 108 17.74 6.67 -21.20
C PHE D 108 18.83 5.69 -20.74
N PHE D 109 19.20 4.77 -21.63
CA PHE D 109 20.24 3.79 -21.35
C PHE D 109 21.37 3.97 -22.37
N PRO D 110 22.46 4.61 -21.96
CA PRO D 110 23.60 4.85 -22.85
C PRO D 110 24.36 3.57 -23.21
N VAL D 111 24.20 2.57 -22.36
CA VAL D 111 24.88 1.30 -22.53
C VAL D 111 23.88 0.16 -22.35
N GLU D 112 24.24 -1.05 -22.76
CA GLU D 112 23.35 -2.19 -22.59
C GLU D 112 23.12 -2.31 -21.08
N SER D 113 21.86 -2.41 -20.67
CA SER D 113 21.54 -2.47 -19.25
C SER D 113 20.45 -3.46 -18.89
N GLN D 114 20.14 -3.52 -17.59
CA GLN D 114 19.10 -4.37 -17.06
C GLN D 114 18.64 -3.83 -15.71
N PHE D 115 17.32 -3.77 -15.50
CA PHE D 115 16.77 -3.30 -14.24
C PHE D 115 15.46 -3.99 -13.92
N TYR D 116 15.29 -4.23 -12.62
CA TYR D 116 14.12 -4.87 -12.02
C TYR D 116 13.35 -3.73 -11.36
N MET D 117 12.02 -3.75 -11.42
CA MET D 117 11.25 -2.66 -10.83
C MET D 117 9.85 -3.00 -10.37
N THR D 118 9.47 -2.46 -9.23
CA THR D 118 8.13 -2.67 -8.68
C THR D 118 7.37 -1.34 -8.79
N PHE D 119 6.10 -1.40 -9.22
CA PHE D 119 5.29 -0.19 -9.38
C PHE D 119 4.00 -0.28 -8.58
N LEU D 120 3.61 0.83 -7.94
CA LEU D 120 2.35 0.92 -7.20
C LEU D 120 1.50 1.88 -8.03
N GLY D 121 0.44 1.37 -8.63
CA GLY D 121 -0.39 2.22 -9.45
C GLY D 121 0.08 2.23 -10.89
N PRO D 122 -0.52 3.06 -11.76
CA PRO D 122 -0.14 3.13 -13.18
C PRO D 122 0.93 4.16 -13.54
N LEU D 123 1.40 4.04 -14.78
CA LEU D 123 2.37 4.96 -15.36
C LEU D 123 1.55 5.72 -16.38
N ASN D 124 1.41 7.03 -16.20
CA ASN D 124 0.62 7.82 -17.14
C ASN D 124 1.51 8.38 -18.24
N PHE D 125 1.41 7.81 -19.44
CA PHE D 125 2.20 8.31 -20.56
C PHE D 125 1.53 9.55 -21.10
N ILE D 126 2.32 10.60 -21.29
CA ILE D 126 1.81 11.87 -21.77
C ILE D 126 2.32 12.30 -23.14
N ASP D 127 1.56 13.17 -23.81
CA ASP D 127 1.94 13.69 -25.11
C ASP D 127 2.86 14.87 -24.87
N ASP D 128 3.16 15.62 -25.92
CA ASP D 128 4.07 16.74 -25.79
C ASP D 128 3.53 17.92 -24.96
N ASN D 129 2.21 18.05 -24.89
CA ASN D 129 1.60 19.13 -24.13
C ASN D 129 1.37 18.75 -22.67
N GLY D 130 1.59 17.48 -22.34
CA GLY D 130 1.42 17.02 -20.98
C GLY D 130 0.11 16.29 -20.72
N LYS D 131 -0.64 16.04 -21.79
CA LYS D 131 -1.92 15.34 -21.70
C LYS D 131 -1.74 13.83 -21.61
N VAL D 132 -2.43 13.22 -20.66
CA VAL D 132 -2.36 11.77 -20.47
C VAL D 132 -2.98 11.08 -21.68
N ILE D 133 -2.17 10.32 -22.41
CA ILE D 133 -2.66 9.63 -23.59
C ILE D 133 -2.81 8.14 -23.31
N ALA D 134 -2.37 7.72 -22.12
CA ALA D 134 -2.48 6.32 -21.74
C ALA D 134 -2.07 6.07 -20.28
N SER D 135 -2.98 5.47 -19.52
CA SER D 135 -2.74 5.15 -18.11
C SER D 135 -2.48 3.64 -18.03
N ILE D 136 -1.22 3.27 -17.91
CA ILE D 136 -0.82 1.86 -17.88
C ILE D 136 -0.57 1.29 -16.48
N GLY D 137 -1.47 0.41 -16.03
CA GLY D 137 -1.34 -0.22 -14.74
C GLY D 137 -1.15 -1.72 -14.90
N TRP D 138 -1.30 -2.47 -13.81
CA TRP D 138 -1.14 -3.93 -13.85
C TRP D 138 -2.01 -4.59 -14.93
N ALA D 139 -3.26 -4.14 -15.06
CA ALA D 139 -4.17 -4.72 -16.03
C ALA D 139 -3.76 -4.44 -17.48
N GLU D 140 -3.29 -3.24 -17.75
CA GLU D 140 -2.85 -2.90 -19.10
C GLU D 140 -1.54 -3.62 -19.39
N ALA D 141 -0.67 -3.70 -18.38
CA ALA D 141 0.61 -4.37 -18.54
C ALA D 141 0.42 -5.87 -18.78
N GLN D 142 -0.53 -6.48 -18.06
CA GLN D 142 -0.79 -7.90 -18.23
C GLN D 142 -1.37 -8.19 -19.61
N GLY D 143 -2.22 -7.28 -20.08
CA GLY D 143 -2.83 -7.45 -21.39
C GLY D 143 -1.78 -7.43 -22.48
N ALA D 144 -0.81 -6.53 -22.36
CA ALA D 144 0.26 -6.40 -23.34
C ALA D 144 1.17 -7.62 -23.29
N TRP D 145 1.37 -8.15 -22.09
CA TRP D 145 2.22 -9.31 -21.86
C TRP D 145 1.60 -10.59 -22.42
N LEU D 146 0.33 -10.82 -22.10
CA LEU D 146 -0.34 -12.02 -22.60
C LEU D 146 -0.51 -11.96 -24.12
N ALA D 147 -0.84 -10.79 -24.63
CA ALA D 147 -1.04 -10.61 -26.08
C ALA D 147 0.21 -11.02 -26.84
N THR D 148 1.34 -10.41 -26.46
CA THR D 148 2.61 -10.69 -27.10
C THR D 148 3.28 -11.86 -26.40
N LYS D 149 2.56 -12.98 -26.34
CA LYS D 149 3.07 -14.18 -25.70
C LYS D 149 4.12 -14.80 -26.59
#